data_7WR9
#
_entry.id   7WR9
#
_cell.length_a   1.00
_cell.length_b   1.00
_cell.length_c   1.00
_cell.angle_alpha   90.00
_cell.angle_beta   90.00
_cell.angle_gamma   90.00
#
_symmetry.space_group_name_H-M   'P 1'
#
loop_
_entity.id
_entity.type
_entity.pdbx_description
1 polymer BD55-3152H
2 polymer BD55-3152L
3 polymer 'Spike protein S1'
4 branched beta-D-mannopyranose-(1-4)-2-acetamido-2-deoxy-beta-D-glucopyranose-(1-4)-[alpha-L-fucopyranose-(1-6)]2-acetamido-2-deoxy-beta-D-glucopyranose
5 non-polymer 2-acetamido-2-deoxy-beta-D-glucopyranose
#
loop_
_entity_poly.entity_id
_entity_poly.type
_entity_poly.pdbx_seq_one_letter_code
_entity_poly.pdbx_strand_id
1 'polypeptide(L)'
;MGWSLILLFLVAVATRVLSQVQLVQSGAEVKKPGASVIVSCKASGYRFISHYIHWVRQAPGQGLEWMGKIDPSGRGTTYA
QKLQGRVSVTRDTSTSSVYMALSGLRSDDTAVYYCARDRFPLSDPYVWGSPLGGLDVWGQGTTVIVSSASTKGPSVFPLA
PSSKSTSGGTAALGCLVKDYFPEPVTVSWNSGALTSGVHTFPAVLQSSGLYSLSSVVTVPSSSLGTQTYICNVNHKPSNT
KVDKKVEPKSCDKTHHHHHH
;
A
2 'polypeptide(L)'
;MGWSCIILFLVATATGVHSSYDLTQPPSVSVSPGQTARITCSGDALPSQYVYWYQQRPGQAPVLVMYKDSERPPGIPERF
SGSTSGTTATLTITGVQAEDEADYYCQSADASTTYHVFGGGTKVTVVGQPKAAPSVTLFPPSSEELQANKATLVCLISDF
YPGAVTVAWKADSSPVKAGVETTTPSKQSNNKYAASSYLSLTPEQWKSHRSYSCQVTHEGSTVEKTVAPTECS
;
B
3 'polypeptide(L)'
;CPFGEVFNATKFPSVYAWERKKISNCVADYSVLYNSTFFSTFKCYGVSATKLNDLCFSNVYADSFVVKGDDVRQIAPGQT
GVIADYNYKLPDDFMGCVLAWNTRNIDATSTGNYNYKYRYLRHGKLRPFERDISNVPFSPDGKPCTPPALNCYWPLNDYG
FYTTTGIGYQPYRVVVLSFE
;
F
#
loop_
_chem_comp.id
_chem_comp.type
_chem_comp.name
_chem_comp.formula
BMA D-saccharide, beta linking beta-D-mannopyranose 'C6 H12 O6'
FUC L-saccharide, alpha linking alpha-L-fucopyranose 'C6 H12 O5'
NAG D-saccharide, beta linking 2-acetamido-2-deoxy-beta-D-glucopyranose 'C8 H15 N O6'
#
# COMPACT_ATOMS: atom_id res chain seq x y z
N GLN A 20 21.63 10.50 12.70
CA GLN A 20 21.51 9.31 13.53
C GLN A 20 20.06 9.02 13.87
N VAL A 21 19.44 8.12 13.11
CA VAL A 21 18.03 7.80 13.31
C VAL A 21 17.90 6.77 14.44
N GLN A 22 17.02 7.07 15.39
CA GLN A 22 16.74 6.25 16.57
C GLN A 22 15.47 6.78 17.22
N LEU A 23 14.69 5.86 17.79
CA LEU A 23 13.47 6.20 18.54
C LEU A 23 13.67 5.70 19.96
N VAL A 24 13.93 6.62 20.88
CA VAL A 24 14.20 6.27 22.28
C VAL A 24 12.89 6.33 23.05
N GLN A 25 12.48 5.20 23.61
CA GLN A 25 11.21 5.09 24.31
C GLN A 25 11.41 5.33 25.80
N SER A 26 10.39 5.03 26.60
CA SER A 26 10.44 5.16 28.04
C SER A 26 11.01 3.88 28.66
N GLY A 27 10.89 3.76 29.99
CA GLY A 27 11.32 2.57 30.69
C GLY A 27 10.15 1.67 31.04
N ALA A 28 10.49 0.52 31.64
CA ALA A 28 9.49 -0.45 32.04
C ALA A 28 8.67 0.07 33.22
N GLU A 29 7.42 -0.38 33.30
CA GLU A 29 6.48 0.10 34.30
C GLU A 29 5.58 -1.05 34.74
N VAL A 30 4.95 -0.85 35.91
CA VAL A 30 3.92 -1.75 36.41
C VAL A 30 2.70 -0.91 36.74
N LYS A 31 1.51 -1.45 36.48
CA LYS A 31 0.28 -0.70 36.64
C LYS A 31 -0.79 -1.59 37.26
N LYS A 32 -1.94 -0.98 37.54
CA LYS A 32 -3.15 -1.58 38.06
C LYS A 32 -4.20 -1.67 36.96
N PRO A 33 -5.15 -2.63 37.03
CA PRO A 33 -6.15 -2.74 35.97
C PRO A 33 -7.14 -1.59 35.96
N GLY A 34 -6.74 -0.48 35.35
CA GLY A 34 -7.56 0.72 35.29
C GLY A 34 -6.73 1.98 35.35
N ALA A 35 -5.47 1.85 35.78
CA ALA A 35 -4.57 2.99 35.85
C ALA A 35 -4.05 3.33 34.45
N SER A 36 -4.14 4.61 34.08
CA SER A 36 -3.66 5.05 32.78
C SER A 36 -2.14 5.04 32.74
N VAL A 37 -1.59 4.67 31.58
CA VAL A 37 -0.15 4.61 31.40
C VAL A 37 0.25 5.58 30.30
N ILE A 38 1.45 6.14 30.45
CA ILE A 38 2.03 7.05 29.47
C ILE A 38 3.37 6.46 29.02
N VAL A 39 3.48 6.18 27.74
CA VAL A 39 4.74 5.74 27.14
C VAL A 39 5.17 6.77 26.11
N SER A 40 6.41 7.23 26.22
CA SER A 40 6.95 8.26 25.35
C SER A 40 7.79 7.62 24.26
N CYS A 41 8.05 8.39 23.21
CA CYS A 41 8.92 7.94 22.12
C CYS A 41 9.69 9.16 21.60
N LYS A 42 10.88 9.37 22.16
CA LYS A 42 11.72 10.48 21.74
C LYS A 42 12.38 10.17 20.41
N ALA A 43 12.27 11.09 19.46
CA ALA A 43 12.86 10.95 18.14
C ALA A 43 14.10 11.83 18.01
N SER A 44 14.98 11.44 17.08
CA SER A 44 16.21 12.19 16.84
C SER A 44 16.71 11.89 15.44
N GLY A 45 17.64 12.72 14.98
CA GLY A 45 18.32 12.49 13.71
C GLY A 45 17.53 12.91 12.49
N TYR A 46 16.49 12.14 12.16
CA TYR A 46 15.70 12.41 10.97
C TYR A 46 14.79 13.61 11.19
N ARG A 47 14.29 14.16 10.08
CA ARG A 47 13.34 15.27 10.12
C ARG A 47 12.04 14.78 10.71
N PHE A 48 11.69 15.30 11.90
CA PHE A 48 10.67 14.67 12.74
C PHE A 48 9.27 14.70 12.14
N ILE A 49 8.93 15.77 11.42
CA ILE A 49 7.57 15.93 10.91
C ILE A 49 7.41 15.24 9.57
N SER A 50 8.44 14.54 9.11
CA SER A 50 8.35 13.86 7.82
C SER A 50 7.65 12.51 7.95
N HIS A 51 8.19 11.61 8.76
CA HIS A 51 7.73 10.23 8.78
C HIS A 51 6.64 10.03 9.84
N TYR A 52 5.72 9.13 9.54
CA TYR A 52 4.72 8.70 10.51
C TYR A 52 5.39 7.94 11.64
N ILE A 53 4.73 7.94 12.79
CA ILE A 53 5.17 7.15 13.94
C ILE A 53 4.05 6.20 14.29
N HIS A 54 4.32 4.91 14.21
CA HIS A 54 3.34 3.87 14.48
C HIS A 54 3.51 3.35 15.90
N TRP A 55 2.45 2.73 16.42
CA TRP A 55 2.45 2.14 17.75
C TRP A 55 1.98 0.70 17.66
N VAL A 56 2.84 -0.23 18.07
CA VAL A 56 2.59 -1.66 17.95
C VAL A 56 2.91 -2.31 19.29
N ARG A 57 2.01 -3.13 19.80
CA ARG A 57 2.28 -3.89 21.01
C ARG A 57 2.42 -5.36 20.67
N GLN A 58 2.84 -6.14 21.67
CA GLN A 58 3.05 -7.58 21.47
C GLN A 58 2.86 -8.29 22.81
N ALA A 59 1.77 -9.04 22.93
CA ALA A 59 1.53 -9.84 24.12
C ALA A 59 2.54 -10.99 24.19
N PRO A 60 2.94 -11.40 25.40
CA PRO A 60 3.91 -12.51 25.52
C PRO A 60 3.29 -13.82 25.07
N GLY A 61 3.95 -14.47 24.11
CA GLY A 61 3.43 -15.68 23.49
C GLY A 61 2.48 -15.44 22.35
N GLN A 62 2.21 -14.18 22.00
CA GLN A 62 1.30 -13.83 20.92
C GLN A 62 2.05 -13.06 19.85
N GLY A 63 1.39 -12.87 18.70
CA GLY A 63 1.98 -12.14 17.61
C GLY A 63 1.88 -10.64 17.80
N LEU A 64 2.40 -9.92 16.80
CA LEU A 64 2.38 -8.47 16.85
C LEU A 64 0.98 -7.93 16.63
N GLU A 65 0.64 -6.87 17.36
CA GLU A 65 -0.65 -6.22 17.26
C GLU A 65 -0.44 -4.73 17.02
N TRP A 66 -1.07 -4.20 15.98
CA TRP A 66 -0.93 -2.80 15.61
C TRP A 66 -2.01 -1.99 16.32
N MET A 67 -1.57 -0.98 17.08
CA MET A 67 -2.51 -0.16 17.84
C MET A 67 -2.93 1.09 17.07
N GLY A 68 -1.98 1.93 16.69
CA GLY A 68 -2.33 3.16 16.03
C GLY A 68 -1.10 3.88 15.54
N LYS A 69 -1.36 4.95 14.78
CA LYS A 69 -0.33 5.78 14.18
C LYS A 69 -0.54 7.22 14.58
N ILE A 70 0.41 8.06 14.19
CA ILE A 70 0.32 9.51 14.39
C ILE A 70 1.06 10.20 13.24
N ASP A 71 0.44 11.25 12.71
CA ASP A 71 1.14 12.16 11.81
C ASP A 71 1.71 13.30 12.66
N PRO A 72 3.04 13.43 12.76
CA PRO A 72 3.61 14.42 13.69
C PRO A 72 3.37 15.87 13.33
N SER A 73 2.93 16.18 12.11
CA SER A 73 2.54 17.56 11.80
C SER A 73 1.03 17.75 12.00
N GLY A 74 0.51 17.28 13.13
CA GLY A 74 -0.85 17.52 13.59
C GLY A 74 -2.01 17.21 12.66
N ARG A 75 -1.80 16.37 11.65
CA ARG A 75 -2.80 16.19 10.61
C ARG A 75 -3.81 15.08 10.91
N GLY A 76 -3.66 14.35 11.99
CA GLY A 76 -4.68 13.39 12.38
C GLY A 76 -4.08 12.15 13.00
N THR A 77 -4.96 11.38 13.63
CA THR A 77 -4.64 10.10 14.25
C THR A 77 -5.44 9.00 13.57
N THR A 78 -5.03 7.76 13.82
CA THR A 78 -5.82 6.59 13.45
C THR A 78 -5.51 5.52 14.48
N TYR A 79 -6.55 4.84 14.98
CA TYR A 79 -6.39 3.80 16.00
C TYR A 79 -6.97 2.50 15.50
N ALA A 80 -6.67 1.42 16.23
CA ALA A 80 -7.19 0.11 15.89
C ALA A 80 -8.69 0.05 16.08
N GLN A 81 -9.33 -0.85 15.33
CA GLN A 81 -10.79 -0.91 15.32
C GLN A 81 -11.35 -1.52 16.60
N LYS A 82 -10.53 -2.22 17.38
CA LYS A 82 -10.93 -2.72 18.69
C LYS A 82 -10.21 -2.00 19.82
N LEU A 83 -9.60 -0.85 19.55
CA LEU A 83 -8.97 -0.04 20.58
C LEU A 83 -9.43 1.42 20.55
N GLN A 84 -10.44 1.74 19.74
CA GLN A 84 -10.94 3.10 19.69
C GLN A 84 -11.69 3.45 20.97
N GLY A 85 -11.40 4.63 21.51
CA GLY A 85 -11.92 5.04 22.79
C GLY A 85 -11.05 4.66 23.97
N ARG A 86 -9.98 3.92 23.74
CA ARG A 86 -9.05 3.54 24.80
C ARG A 86 -7.66 4.12 24.61
N VAL A 87 -7.09 4.04 23.42
CA VAL A 87 -5.75 4.51 23.12
C VAL A 87 -5.85 5.94 22.60
N SER A 88 -4.92 6.79 23.02
CA SER A 88 -4.85 8.17 22.55
C SER A 88 -3.39 8.56 22.44
N VAL A 89 -2.95 8.90 21.23
CA VAL A 89 -1.56 9.29 20.99
C VAL A 89 -1.52 10.79 20.79
N THR A 90 -0.33 11.37 21.03
CA THR A 90 -0.14 12.79 20.87
C THR A 90 1.32 13.07 20.55
N ARG A 91 1.58 14.26 20.01
CA ARG A 91 2.89 14.62 19.52
C ARG A 91 3.37 15.90 20.20
N ASP A 92 4.68 16.02 20.34
CA ASP A 92 5.32 17.22 20.89
C ASP A 92 6.46 17.57 19.93
N THR A 93 6.23 18.58 19.09
CA THR A 93 7.19 18.95 18.06
C THR A 93 8.45 19.55 18.66
N SER A 94 8.33 20.30 19.76
CA SER A 94 9.47 20.97 20.37
C SER A 94 10.46 19.99 20.97
N THR A 95 9.96 18.95 21.64
CA THR A 95 10.84 17.95 22.26
C THR A 95 11.13 16.77 21.36
N SER A 96 10.52 16.72 20.17
CA SER A 96 10.61 15.61 19.20
C SER A 96 10.21 14.28 19.86
N SER A 97 9.04 14.28 20.49
CA SER A 97 8.56 13.12 21.23
C SER A 97 7.13 12.82 20.82
N VAL A 98 6.76 11.55 20.95
CA VAL A 98 5.39 11.09 20.70
C VAL A 98 4.96 10.26 21.90
N TYR A 99 3.86 10.65 22.54
CA TYR A 99 3.35 9.98 23.72
C TYR A 99 2.13 9.14 23.34
N MET A 100 1.93 8.04 24.08
CA MET A 100 0.76 7.19 23.90
C MET A 100 0.11 6.96 25.25
N ALA A 101 -1.20 7.19 25.32
CA ALA A 101 -1.98 7.03 26.54
C ALA A 101 -2.97 5.89 26.35
N LEU A 102 -2.93 4.92 27.26
CA LEU A 102 -3.90 3.83 27.30
C LEU A 102 -4.65 3.92 28.63
N SER A 103 -5.96 4.11 28.55
CA SER A 103 -6.79 4.31 29.73
C SER A 103 -7.60 3.04 30.01
N GLY A 104 -7.61 2.62 31.26
CA GLY A 104 -8.38 1.45 31.66
C GLY A 104 -7.79 0.16 31.14
N LEU A 105 -6.62 -0.21 31.65
CA LEU A 105 -5.98 -1.45 31.24
C LEU A 105 -6.72 -2.66 31.78
N ARG A 106 -6.64 -3.76 31.05
CA ARG A 106 -7.18 -5.04 31.46
C ARG A 106 -6.02 -6.03 31.63
N SER A 107 -6.35 -7.29 31.87
CA SER A 107 -5.31 -8.30 31.99
C SER A 107 -4.68 -8.67 30.65
N ASP A 108 -5.36 -8.36 29.54
CA ASP A 108 -4.84 -8.65 28.21
C ASP A 108 -3.95 -7.54 27.67
N ASP A 109 -3.85 -6.40 28.34
CA ASP A 109 -3.03 -5.29 27.90
C ASP A 109 -1.63 -5.31 28.49
N THR A 110 -1.14 -6.49 28.88
CA THR A 110 0.25 -6.67 29.28
C THR A 110 1.03 -7.04 28.03
N ALA A 111 1.93 -6.16 27.60
CA ALA A 111 2.61 -6.34 26.32
C ALA A 111 3.89 -5.53 26.32
N VAL A 112 4.75 -5.83 25.35
CA VAL A 112 5.91 -5.01 25.04
C VAL A 112 5.46 -3.98 24.00
N TYR A 113 5.61 -2.70 24.32
CA TYR A 113 5.04 -1.63 23.53
C TYR A 113 6.13 -1.02 22.65
N TYR A 114 5.99 -1.22 21.34
CA TYR A 114 6.98 -0.82 20.36
C TYR A 114 6.54 0.48 19.70
N CYS A 115 7.40 1.48 19.73
CA CYS A 115 7.22 2.69 18.94
C CYS A 115 8.11 2.58 17.71
N ALA A 116 7.50 2.62 16.54
CA ALA A 116 8.25 2.40 15.31
C ALA A 116 7.97 3.49 14.31
N ARG A 117 8.96 3.76 13.47
CA ARG A 117 8.90 4.84 12.49
C ARG A 117 8.12 4.36 11.26
N ASP A 118 8.22 5.11 10.18
CA ASP A 118 7.63 4.75 8.90
C ASP A 118 8.70 4.92 7.83
N ARG A 119 8.80 3.99 6.89
CA ARG A 119 9.77 4.11 5.79
C ARG A 119 9.01 4.81 4.67
N PHE A 120 8.71 6.10 4.80
CA PHE A 120 8.10 6.85 3.69
C PHE A 120 8.24 8.34 3.98
N PRO A 121 9.17 9.03 3.32
CA PRO A 121 9.33 10.44 3.51
C PRO A 121 8.07 11.12 3.00
N LEU A 122 7.30 11.72 3.91
CA LEU A 122 6.07 12.45 3.53
C LEU A 122 6.52 13.86 3.17
N SER A 123 5.90 14.50 2.17
CA SER A 123 6.41 15.83 1.72
C SER A 123 5.33 16.68 1.06
N ASP A 124 5.60 17.22 -0.14
CA ASP A 124 4.66 18.06 -0.95
C ASP A 124 3.23 17.80 -0.53
N PRO A 125 2.42 18.82 -0.18
CA PRO A 125 1.09 18.64 0.37
C PRO A 125 1.02 17.27 1.05
N TYR A 126 0.47 16.25 0.39
CA TYR A 126 0.52 14.86 0.90
C TYR A 126 0.13 14.13 -0.35
N VAL A 127 1.12 13.62 -1.06
CA VAL A 127 0.78 13.00 -2.33
C VAL A 127 -0.12 11.82 -2.03
N TRP A 128 -1.43 12.06 -2.15
CA TRP A 128 -2.46 11.08 -1.82
C TRP A 128 -2.41 9.87 -2.75
N GLY A 129 -2.49 8.68 -2.15
CA GLY A 129 -2.05 7.44 -2.73
C GLY A 129 -0.79 6.85 -2.08
N SER A 130 -0.36 7.40 -0.95
CA SER A 130 0.98 7.14 -0.43
C SER A 130 1.07 5.77 0.25
N PRO A 131 2.26 5.14 0.24
CA PRO A 131 2.50 3.90 0.99
C PRO A 131 2.89 4.07 2.46
N LEU A 132 1.90 4.25 3.32
CA LEU A 132 2.20 4.21 4.75
C LEU A 132 2.34 2.77 5.21
N GLY A 133 2.94 2.60 6.37
CA GLY A 133 3.39 1.29 6.80
C GLY A 133 4.82 1.06 6.38
N GLY A 134 5.33 -0.10 6.76
CA GLY A 134 6.75 -0.34 6.55
C GLY A 134 7.55 0.19 7.71
N LEU A 135 7.28 -0.35 8.88
CA LEU A 135 7.81 0.21 10.12
C LEU A 135 9.30 -0.10 10.22
N ASP A 136 10.12 0.96 10.22
CA ASP A 136 11.55 0.84 9.92
C ASP A 136 12.46 0.86 11.13
N VAL A 137 12.34 1.88 11.99
CA VAL A 137 13.40 2.22 12.95
C VAL A 137 12.77 2.00 14.33
N TRP A 138 12.14 0.83 14.49
CA TRP A 138 11.50 0.36 15.72
C TRP A 138 12.28 0.70 16.99
N GLY A 139 11.54 1.14 18.02
CA GLY A 139 12.13 1.45 19.30
C GLY A 139 12.46 0.21 20.11
N GLN A 140 13.06 0.44 21.28
CA GLN A 140 13.57 -0.66 22.09
C GLN A 140 12.47 -1.47 22.78
N GLY A 141 11.28 -0.90 22.92
CA GLY A 141 10.17 -1.64 23.51
C GLY A 141 9.96 -1.39 24.99
N THR A 142 8.85 -0.75 25.33
CA THR A 142 8.48 -0.54 26.73
C THR A 142 7.57 -1.66 27.18
N THR A 143 7.97 -2.36 28.24
CA THR A 143 7.17 -3.43 28.81
C THR A 143 6.39 -2.89 29.99
N VAL A 144 5.06 -2.99 29.94
CA VAL A 144 4.21 -2.63 31.06
C VAL A 144 3.39 -3.86 31.44
N ILE A 145 3.20 -4.04 32.75
CA ILE A 145 2.51 -5.19 33.32
C ILE A 145 1.38 -4.67 34.18
N VAL A 146 0.20 -5.26 34.04
CA VAL A 146 -0.95 -4.83 34.83
C VAL A 146 -1.06 -5.62 36.12
N ASP B 22 -8.11 -8.55 7.29
CA ASP B 22 -7.69 -9.72 8.06
C ASP B 22 -6.68 -10.54 7.26
N LEU B 23 -5.48 -10.67 7.81
CA LEU B 23 -4.37 -11.32 7.13
C LEU B 23 -3.97 -12.56 7.91
N THR B 24 -4.01 -13.72 7.26
CA THR B 24 -3.72 -15.00 7.90
C THR B 24 -2.53 -15.65 7.22
N GLN B 25 -1.82 -16.47 7.99
CA GLN B 25 -0.61 -17.13 7.51
C GLN B 25 -0.38 -18.38 8.36
N PRO B 26 0.36 -19.37 7.84
CA PRO B 26 0.59 -20.60 8.62
C PRO B 26 1.43 -20.33 9.85
N PRO B 27 1.22 -21.09 10.93
CA PRO B 27 1.87 -20.77 12.20
C PRO B 27 3.33 -21.21 12.28
N SER B 28 3.73 -22.20 11.50
CA SER B 28 5.09 -22.72 11.59
C SER B 28 5.50 -23.35 10.27
N VAL B 29 6.77 -23.17 9.91
CA VAL B 29 7.39 -23.83 8.77
C VAL B 29 8.66 -24.52 9.29
N SER B 30 8.74 -25.82 9.08
CA SER B 30 9.87 -26.61 9.57
C SER B 30 10.76 -26.98 8.39
N VAL B 31 11.89 -26.31 8.26
CA VAL B 31 12.85 -26.57 7.19
C VAL B 31 14.22 -26.84 7.79
N SER B 32 14.88 -27.88 7.29
CA SER B 32 16.27 -28.13 7.64
C SER B 32 17.16 -27.13 6.90
N PRO B 33 18.39 -26.88 7.41
CA PRO B 33 19.29 -25.94 6.71
C PRO B 33 19.69 -26.40 5.33
N GLY B 34 19.25 -25.66 4.31
CA GLY B 34 19.58 -25.99 2.93
C GLY B 34 18.42 -25.88 1.97
N GLN B 35 17.21 -26.14 2.44
CA GLN B 35 16.04 -26.16 1.58
C GLN B 35 15.50 -24.75 1.37
N THR B 36 14.30 -24.66 0.80
CA THR B 36 13.63 -23.41 0.51
C THR B 36 12.38 -23.30 1.37
N ALA B 37 12.27 -22.22 2.15
CA ALA B 37 11.14 -21.98 3.01
C ALA B 37 10.24 -20.93 2.38
N ARG B 38 8.98 -21.27 2.17
CA ARG B 38 8.00 -20.40 1.54
C ARG B 38 6.96 -20.02 2.59
N ILE B 39 7.05 -18.79 3.10
CA ILE B 39 6.11 -18.29 4.09
C ILE B 39 5.02 -17.55 3.33
N THR B 40 3.87 -18.19 3.17
CA THR B 40 2.76 -17.57 2.46
C THR B 40 1.93 -16.72 3.43
N CYS B 41 1.21 -15.76 2.86
CA CYS B 41 0.40 -14.82 3.64
C CYS B 41 -0.78 -14.41 2.79
N SER B 42 -1.98 -14.82 3.17
CA SER B 42 -3.18 -14.60 2.39
C SER B 42 -4.10 -13.60 3.07
N GLY B 43 -4.71 -12.72 2.27
CA GLY B 43 -5.68 -11.77 2.77
C GLY B 43 -6.60 -11.29 1.67
N ASP B 44 -7.90 -11.23 1.95
CA ASP B 44 -8.88 -10.91 0.91
C ASP B 44 -8.83 -9.43 0.51
N ALA B 45 -8.27 -8.57 1.35
CA ALA B 45 -8.18 -7.14 1.06
C ALA B 45 -6.85 -6.76 0.43
N LEU B 46 -6.23 -7.67 -0.31
CA LEU B 46 -4.92 -7.41 -0.93
C LEU B 46 -4.89 -7.83 -2.42
N PRO B 47 -5.71 -7.20 -3.30
CA PRO B 47 -5.21 -7.01 -4.66
C PRO B 47 -4.55 -5.65 -4.81
N SER B 48 -4.93 -4.71 -3.94
CA SER B 48 -4.41 -3.35 -3.97
C SER B 48 -4.00 -2.96 -2.55
N GLN B 49 -2.82 -3.41 -2.13
CA GLN B 49 -2.15 -3.05 -0.89
C GLN B 49 -0.78 -3.73 -0.88
N TYR B 50 0.22 -3.10 -0.27
CA TYR B 50 1.55 -3.67 -0.21
C TYR B 50 1.68 -4.58 0.99
N VAL B 51 2.62 -5.53 0.91
CA VAL B 51 2.93 -6.42 2.01
C VAL B 51 4.32 -6.08 2.52
N TYR B 52 4.44 -5.87 3.82
CA TYR B 52 5.70 -5.57 4.47
C TYR B 52 6.03 -6.73 5.40
N TRP B 53 7.20 -7.32 5.21
CA TRP B 53 7.60 -8.53 5.91
C TRP B 53 8.63 -8.19 6.98
N TYR B 54 8.42 -8.71 8.18
CA TYR B 54 9.28 -8.42 9.31
C TYR B 54 9.77 -9.73 9.89
N GLN B 55 11.03 -9.76 10.32
CA GLN B 55 11.54 -10.88 11.09
C GLN B 55 11.85 -10.40 12.49
N GLN B 56 11.65 -11.27 13.47
CA GLN B 56 11.85 -10.94 14.87
C GLN B 56 12.54 -12.14 15.53
N ARG B 57 13.84 -12.05 15.69
CA ARG B 57 14.53 -13.01 16.53
C ARG B 57 14.10 -12.77 17.98
N PRO B 58 13.87 -13.82 18.77
CA PRO B 58 13.19 -13.66 20.06
C PRO B 58 14.02 -12.89 21.08
N GLY B 59 13.48 -11.75 21.50
CA GLY B 59 14.13 -10.92 22.49
C GLY B 59 14.11 -9.44 22.18
N GLN B 60 14.15 -9.09 20.90
CA GLN B 60 14.30 -7.68 20.53
C GLN B 60 13.29 -7.24 19.48
N ALA B 61 13.48 -6.03 18.96
CA ALA B 61 12.55 -5.41 18.03
C ALA B 61 12.56 -6.12 16.68
N PRO B 62 11.46 -6.05 15.93
CA PRO B 62 11.46 -6.61 14.58
C PRO B 62 12.39 -5.87 13.64
N VAL B 63 12.79 -6.57 12.59
CA VAL B 63 13.62 -6.03 11.52
C VAL B 63 12.84 -6.16 10.22
N LEU B 64 12.69 -5.05 9.50
CA LEU B 64 11.96 -5.07 8.25
C LEU B 64 12.76 -5.83 7.19
N VAL B 65 12.14 -6.83 6.58
CA VAL B 65 12.82 -7.74 5.67
C VAL B 65 12.51 -7.41 4.21
N MET B 66 11.23 -7.28 3.86
CA MET B 66 10.85 -6.86 2.52
C MET B 66 9.79 -5.76 2.62
N TYR B 67 9.81 -4.86 1.65
CA TYR B 67 8.81 -3.81 1.56
C TYR B 67 8.34 -3.69 0.11
N LYS B 68 7.05 -3.33 -0.04
CA LYS B 68 6.39 -3.10 -1.34
C LYS B 68 6.49 -4.32 -2.25
N ASP B 69 6.34 -5.50 -1.64
CA ASP B 69 6.12 -6.83 -2.24
C ASP B 69 7.32 -7.42 -2.95
N SER B 70 8.32 -6.62 -3.30
CA SER B 70 9.45 -7.15 -4.05
C SER B 70 10.78 -6.50 -3.72
N GLU B 71 10.84 -5.55 -2.79
CA GLU B 71 12.02 -4.73 -2.61
C GLU B 71 12.61 -4.99 -1.24
N ARG B 72 13.94 -5.00 -1.18
CA ARG B 72 14.68 -5.43 0.01
C ARG B 72 15.62 -4.33 0.46
N PRO B 73 15.55 -3.88 1.70
CA PRO B 73 16.40 -2.79 2.17
C PRO B 73 17.84 -3.25 2.35
N PRO B 74 18.81 -2.32 2.38
CA PRO B 74 20.18 -2.70 2.68
C PRO B 74 20.34 -3.24 4.09
N GLY B 75 21.29 -4.18 4.24
CA GLY B 75 21.46 -4.91 5.47
C GLY B 75 20.72 -6.22 5.53
N ILE B 76 19.73 -6.41 4.67
CA ILE B 76 18.99 -7.66 4.52
C ILE B 76 19.69 -8.46 3.42
N PRO B 77 20.12 -9.70 3.69
CA PRO B 77 20.95 -10.40 2.71
C PRO B 77 20.14 -10.91 1.53
N GLU B 78 20.87 -11.29 0.48
CA GLU B 78 20.26 -11.65 -0.80
C GLU B 78 19.79 -13.10 -0.83
N ARG B 79 19.01 -13.50 0.16
CA ARG B 79 18.29 -14.77 0.19
C ARG B 79 16.79 -14.57 0.17
N PHE B 80 16.30 -13.53 0.84
CA PHE B 80 14.88 -13.23 0.85
C PHE B 80 14.45 -12.68 -0.51
N SER B 81 13.25 -13.08 -0.96
CA SER B 81 12.74 -12.66 -2.26
C SER B 81 11.22 -12.69 -2.18
N GLY B 82 10.62 -11.52 -2.01
CA GLY B 82 9.18 -11.45 -1.87
C GLY B 82 8.46 -11.64 -3.18
N SER B 83 7.16 -11.95 -3.08
CA SER B 83 6.31 -12.16 -4.23
C SER B 83 4.88 -11.81 -3.84
N THR B 84 4.03 -11.62 -4.86
CA THR B 84 2.61 -11.45 -4.65
C THR B 84 1.89 -11.94 -5.89
N SER B 85 1.10 -13.00 -5.74
CA SER B 85 0.32 -13.59 -6.82
C SER B 85 -1.15 -13.48 -6.45
N GLY B 86 -1.78 -12.39 -6.86
CA GLY B 86 -3.18 -12.17 -6.51
C GLY B 86 -3.30 -11.75 -5.06
N THR B 87 -4.25 -12.35 -4.35
CA THR B 87 -4.44 -12.07 -2.93
C THR B 87 -3.63 -13.04 -2.06
N THR B 88 -2.34 -13.14 -2.33
CA THR B 88 -1.47 -14.06 -1.61
C THR B 88 -0.04 -13.56 -1.72
N ALA B 89 0.58 -13.22 -0.59
CA ALA B 89 1.98 -12.87 -0.56
C ALA B 89 2.82 -14.12 -0.35
N THR B 90 4.13 -13.98 -0.58
CA THR B 90 5.05 -15.11 -0.41
C THR B 90 6.44 -14.56 -0.15
N LEU B 91 7.05 -14.98 0.95
CA LEU B 91 8.47 -14.74 1.19
C LEU B 91 9.21 -16.07 1.02
N THR B 92 10.34 -16.01 0.33
CA THR B 92 11.13 -17.19 0.01
C THR B 92 12.54 -17.00 0.55
N ILE B 93 13.00 -17.96 1.35
CA ILE B 93 14.37 -17.97 1.85
C ILE B 93 15.12 -19.04 1.07
N THR B 94 15.94 -18.63 0.12
CA THR B 94 16.76 -19.57 -0.63
C THR B 94 18.09 -19.77 0.10
N GLY B 95 18.39 -21.01 0.44
CA GLY B 95 19.56 -21.30 1.24
C GLY B 95 19.40 -20.86 2.68
N VAL B 96 18.52 -21.53 3.41
CA VAL B 96 18.25 -21.20 4.80
C VAL B 96 19.43 -21.63 5.65
N GLN B 97 19.98 -20.70 6.41
CA GLN B 97 21.03 -21.01 7.37
C GLN B 97 20.42 -21.18 8.76
N ALA B 98 21.29 -21.29 9.77
CA ALA B 98 20.86 -21.56 11.13
C ALA B 98 20.56 -20.30 11.93
N GLU B 99 20.69 -19.11 11.34
CA GLU B 99 20.32 -17.86 12.00
C GLU B 99 19.04 -17.27 11.42
N ASP B 100 18.26 -18.08 10.72
CA ASP B 100 16.96 -17.66 10.19
C ASP B 100 15.80 -18.17 11.04
N GLU B 101 16.09 -18.71 12.22
CA GLU B 101 15.05 -19.19 13.12
C GLU B 101 14.44 -17.98 13.84
N ALA B 102 13.40 -17.42 13.23
CA ALA B 102 12.75 -16.23 13.77
C ALA B 102 11.30 -16.21 13.34
N ASP B 103 10.52 -15.38 14.00
CA ASP B 103 9.11 -15.21 13.66
C ASP B 103 8.98 -14.25 12.48
N TYR B 104 8.19 -14.63 11.48
CA TYR B 104 8.00 -13.83 10.28
C TYR B 104 6.55 -13.35 10.21
N TYR B 105 6.36 -12.04 10.14
CA TYR B 105 5.04 -11.43 10.13
C TYR B 105 4.85 -10.67 8.82
N CYS B 106 3.62 -10.68 8.32
CA CYS B 106 3.25 -9.89 7.16
C CYS B 106 2.29 -8.78 7.56
N GLN B 107 2.27 -7.71 6.77
CA GLN B 107 1.54 -6.50 7.08
C GLN B 107 0.75 -6.05 5.86
N SER B 108 -0.36 -5.37 6.09
CA SER B 108 -1.20 -4.85 5.01
C SER B 108 -2.06 -3.72 5.60
N ALA B 109 -3.13 -3.36 4.89
CA ALA B 109 -4.14 -2.45 5.39
C ALA B 109 -5.50 -2.96 4.92
N ASP B 110 -6.54 -2.12 5.05
CA ASP B 110 -7.91 -2.54 4.76
C ASP B 110 -8.36 -2.16 3.36
N ALA B 111 -7.41 -2.08 2.41
CA ALA B 111 -7.48 -1.62 1.01
C ALA B 111 -7.62 -0.11 0.91
N SER B 112 -7.83 0.56 2.03
CA SER B 112 -7.46 1.95 2.21
C SER B 112 -6.06 1.97 2.83
N THR B 113 -5.65 3.08 3.44
CA THR B 113 -4.38 3.05 4.13
C THR B 113 -4.69 3.38 5.59
N THR B 114 -5.71 2.70 6.12
CA THR B 114 -6.07 2.75 7.52
C THR B 114 -6.11 1.33 8.06
N TYR B 115 -5.96 1.21 9.39
CA TYR B 115 -6.05 -0.05 10.13
C TYR B 115 -5.06 -1.09 9.60
N HIS B 116 -3.78 -0.77 9.81
CA HIS B 116 -2.70 -1.69 9.49
C HIS B 116 -2.84 -2.97 10.32
N VAL B 117 -2.73 -4.11 9.66
CA VAL B 117 -2.92 -5.39 10.33
C VAL B 117 -1.61 -6.16 10.26
N PHE B 118 -1.43 -7.06 11.22
CA PHE B 118 -0.28 -7.94 11.26
C PHE B 118 -0.73 -9.38 11.11
N GLY B 119 0.13 -10.21 10.55
CA GLY B 119 -0.18 -11.62 10.38
C GLY B 119 -0.08 -12.38 11.68
N GLY B 120 -0.42 -13.66 11.61
CA GLY B 120 -0.39 -14.50 12.79
C GLY B 120 0.98 -14.96 13.22
N GLY B 121 2.00 -14.73 12.39
CA GLY B 121 3.33 -15.18 12.75
C GLY B 121 3.65 -16.55 12.18
N THR B 122 4.94 -16.77 11.93
CA THR B 122 5.40 -18.05 11.40
C THR B 122 6.77 -18.32 11.99
N LYS B 123 6.84 -19.24 12.95
CA LYS B 123 8.10 -19.60 13.58
C LYS B 123 8.82 -20.57 12.65
N VAL B 124 9.75 -20.04 11.85
CA VAL B 124 10.47 -20.85 10.88
C VAL B 124 11.57 -21.60 11.60
N THR B 125 11.54 -22.93 11.52
CA THR B 125 12.57 -23.75 12.14
C THR B 125 13.18 -24.71 11.13
N CYS C 1 -19.84 5.64 1.86
CA CYS C 1 -19.16 4.85 0.85
C CYS C 1 -17.66 4.92 1.03
N PRO C 2 -16.98 3.78 0.87
CA PRO C 2 -15.52 3.80 0.96
C PRO C 2 -14.88 4.32 -0.32
N PHE C 3 -14.40 5.56 -0.30
CA PHE C 3 -13.59 6.09 -1.37
C PHE C 3 -12.10 6.03 -1.04
N GLY C 4 -11.75 5.64 0.18
CA GLY C 4 -10.37 5.38 0.52
C GLY C 4 -9.95 4.02 0.03
N GLU C 5 -10.91 3.12 -0.12
CA GLU C 5 -10.62 1.80 -0.68
C GLU C 5 -10.27 1.87 -2.16
N VAL C 6 -10.64 2.93 -2.86
CA VAL C 6 -10.26 3.14 -4.24
C VAL C 6 -9.10 4.11 -4.36
N PHE C 7 -9.28 5.35 -3.91
CA PHE C 7 -8.30 6.41 -4.12
C PHE C 7 -7.07 6.27 -3.23
N ASN C 8 -7.25 5.88 -1.98
CA ASN C 8 -6.17 5.75 -1.01
C ASN C 8 -5.57 4.34 -1.00
N ALA C 9 -5.97 3.49 -1.94
CA ALA C 9 -5.30 2.21 -2.11
C ALA C 9 -3.88 2.43 -2.62
N THR C 10 -2.95 1.66 -2.05
CA THR C 10 -1.53 1.83 -2.32
C THR C 10 -1.10 1.31 -3.68
N LYS C 11 -1.62 0.17 -4.12
CA LYS C 11 -1.14 -0.52 -5.31
C LYS C 11 -2.16 -0.39 -6.42
N PHE C 12 -1.97 0.62 -7.32
CA PHE C 12 -2.83 0.55 -8.48
C PHE C 12 -2.29 -0.43 -9.51
N PRO C 13 -3.15 -1.03 -10.33
CA PRO C 13 -2.65 -1.95 -11.36
C PRO C 13 -2.08 -1.22 -12.56
N SER C 14 -1.69 -1.97 -13.57
CA SER C 14 -1.27 -1.42 -14.84
C SER C 14 -2.50 -1.00 -15.63
N VAL C 15 -2.28 -0.34 -16.76
CA VAL C 15 -3.41 0.14 -17.54
C VAL C 15 -4.03 -1.00 -18.35
N TYR C 16 -3.24 -2.01 -18.73
CA TYR C 16 -3.79 -3.12 -19.50
C TYR C 16 -4.63 -4.04 -18.62
N ALA C 17 -4.19 -4.30 -17.40
CA ALA C 17 -4.94 -5.12 -16.46
C ALA C 17 -5.61 -4.22 -15.42
N TRP C 18 -6.51 -3.35 -15.89
CA TRP C 18 -7.23 -2.51 -14.97
C TRP C 18 -8.33 -3.30 -14.27
N GLU C 19 -8.88 -2.73 -13.20
CA GLU C 19 -9.84 -3.44 -12.37
C GLU C 19 -10.96 -2.52 -11.92
N ARG C 20 -12.14 -3.09 -11.69
CA ARG C 20 -13.27 -2.35 -11.14
C ARG C 20 -13.44 -2.65 -9.66
N LYS C 21 -13.80 -1.62 -8.92
CA LYS C 21 -14.17 -1.75 -7.51
C LYS C 21 -15.60 -1.23 -7.37
N LYS C 22 -16.56 -2.15 -7.23
CA LYS C 22 -17.96 -1.76 -7.14
C LYS C 22 -18.25 -1.09 -5.81
N ILE C 23 -18.91 0.05 -5.86
CA ILE C 23 -19.33 0.79 -4.67
C ILE C 23 -20.84 0.68 -4.57
N SER C 24 -21.32 0.02 -3.52
CA SER C 24 -22.74 -0.31 -3.42
C SER C 24 -23.21 -0.20 -1.98
N ASN C 25 -24.50 0.08 -1.83
CA ASN C 25 -25.26 0.00 -0.58
C ASN C 25 -24.69 0.93 0.49
N CYS C 26 -24.41 2.16 0.10
CA CYS C 26 -23.80 3.12 1.01
C CYS C 26 -24.15 4.53 0.57
N VAL C 27 -24.08 5.47 1.53
CA VAL C 27 -24.21 6.88 1.18
C VAL C 27 -22.85 7.40 0.73
N ALA C 28 -22.84 8.09 -0.42
CA ALA C 28 -21.62 8.60 -1.01
C ALA C 28 -21.57 10.11 -0.85
N ASP C 29 -20.45 10.61 -0.36
CA ASP C 29 -20.33 12.05 -0.14
C ASP C 29 -19.95 12.78 -1.42
N TYR C 30 -18.99 12.23 -2.17
CA TYR C 30 -18.40 12.75 -3.42
C TYR C 30 -17.63 14.06 -3.24
N SER C 31 -17.62 14.62 -2.03
CA SER C 31 -17.09 15.95 -1.80
C SER C 31 -15.69 15.92 -1.22
N VAL C 32 -15.15 14.71 -0.96
CA VAL C 32 -13.72 14.59 -0.66
C VAL C 32 -12.86 14.67 -1.89
N LEU C 33 -13.48 14.65 -3.08
CA LEU C 33 -12.77 14.68 -4.35
C LEU C 33 -12.68 16.08 -4.93
N TYR C 34 -13.82 16.80 -5.04
CA TYR C 34 -13.76 18.12 -5.64
C TYR C 34 -13.39 19.22 -4.66
N ASN C 35 -13.18 18.90 -3.38
CA ASN C 35 -12.61 19.88 -2.47
C ASN C 35 -11.09 19.92 -2.53
N SER C 36 -10.47 19.06 -3.33
CA SER C 36 -9.03 19.00 -3.47
C SER C 36 -8.61 19.63 -4.80
N THR C 37 -7.60 20.49 -4.74
CA THR C 37 -7.12 21.22 -5.90
C THR C 37 -5.94 20.56 -6.59
N PHE C 38 -5.46 19.43 -6.06
CA PHE C 38 -4.25 18.84 -6.60
C PHE C 38 -4.54 17.91 -7.78
N PHE C 39 -5.82 17.61 -8.02
CA PHE C 39 -6.18 16.81 -9.19
C PHE C 39 -5.87 17.57 -10.46
N SER C 40 -5.25 16.89 -11.42
CA SER C 40 -4.78 17.55 -12.62
C SER C 40 -5.75 17.45 -13.79
N THR C 41 -6.70 16.52 -13.76
CA THR C 41 -7.69 16.48 -14.82
C THR C 41 -9.08 16.78 -14.30
N PHE C 42 -9.58 15.92 -13.41
CA PHE C 42 -10.94 15.85 -12.85
C PHE C 42 -12.00 16.23 -13.89
N LYS C 43 -12.10 15.44 -14.94
CA LYS C 43 -13.02 15.73 -16.03
C LYS C 43 -14.25 14.84 -15.96
N CYS C 44 -15.43 15.45 -15.89
CA CYS C 44 -16.68 14.71 -15.69
C CYS C 44 -17.58 14.87 -16.91
N TYR C 45 -18.12 13.76 -17.38
CA TYR C 45 -18.97 13.72 -18.57
C TYR C 45 -20.38 13.36 -18.14
N GLY C 46 -21.35 14.16 -18.57
CA GLY C 46 -22.72 13.99 -18.14
C GLY C 46 -23.04 14.79 -16.90
N VAL C 47 -22.45 14.39 -15.77
CA VAL C 47 -22.67 15.09 -14.50
C VAL C 47 -21.80 16.34 -14.48
N SER C 48 -22.07 17.24 -13.53
CA SER C 48 -21.38 18.51 -13.46
C SER C 48 -20.49 18.58 -12.21
N ALA C 49 -20.38 17.44 -11.51
CA ALA C 49 -19.44 17.14 -10.44
C ALA C 49 -19.70 17.89 -9.13
N THR C 50 -20.64 18.84 -9.13
CA THR C 50 -21.07 19.45 -7.88
C THR C 50 -22.52 19.10 -7.60
N LYS C 51 -23.20 18.55 -8.59
CA LYS C 51 -24.57 18.06 -8.44
C LYS C 51 -24.59 16.55 -8.25
N LEU C 52 -23.57 16.00 -7.58
CA LEU C 52 -23.47 14.58 -7.36
C LEU C 52 -23.99 14.14 -6.00
N ASN C 53 -24.22 15.06 -5.08
CA ASN C 53 -24.68 14.70 -3.75
C ASN C 53 -26.19 14.52 -3.66
N ASP C 54 -26.93 14.92 -4.70
CA ASP C 54 -28.37 14.73 -4.75
C ASP C 54 -28.79 13.74 -5.83
N LEU C 55 -27.85 12.94 -6.33
CA LEU C 55 -28.15 11.90 -7.31
C LEU C 55 -27.89 10.55 -6.68
N CYS C 56 -28.88 9.66 -6.72
CA CYS C 56 -28.72 8.30 -6.24
C CYS C 56 -28.56 7.38 -7.44
N PHE C 57 -27.41 6.73 -7.55
CA PHE C 57 -27.10 5.84 -8.65
C PHE C 57 -27.33 4.40 -8.25
N SER C 58 -27.51 3.54 -9.26
CA SER C 58 -27.68 2.11 -9.02
C SER C 58 -26.41 1.50 -8.47
N ASN C 59 -25.28 1.75 -9.14
CA ASN C 59 -23.97 1.27 -8.72
C ASN C 59 -22.90 2.17 -9.32
N VAL C 60 -21.81 2.32 -8.58
CA VAL C 60 -20.67 3.12 -9.02
C VAL C 60 -19.47 2.20 -9.17
N TYR C 61 -18.89 2.18 -10.36
CA TYR C 61 -17.73 1.34 -10.66
C TYR C 61 -16.52 2.24 -10.85
N ALA C 62 -15.43 1.92 -10.17
CA ALA C 62 -14.24 2.76 -10.13
C ALA C 62 -13.08 2.02 -10.80
N ASP C 63 -12.78 2.39 -12.03
CA ASP C 63 -11.67 1.78 -12.76
C ASP C 63 -10.38 2.50 -12.43
N SER C 64 -9.42 1.79 -11.85
CA SER C 64 -8.19 2.38 -11.37
C SER C 64 -6.98 1.78 -12.06
N PHE C 65 -6.11 2.65 -12.56
CA PHE C 65 -4.89 2.23 -13.27
C PHE C 65 -3.89 3.37 -13.22
N VAL C 66 -2.75 3.16 -13.88
CA VAL C 66 -1.65 4.13 -13.89
C VAL C 66 -1.22 4.32 -15.35
N VAL C 67 -1.23 5.57 -15.82
CA VAL C 67 -0.72 5.88 -17.15
C VAL C 67 0.40 6.90 -17.03
N LYS C 68 0.95 7.29 -18.17
CA LYS C 68 1.98 8.31 -18.30
C LYS C 68 1.28 9.67 -18.25
N GLY C 69 2.04 10.75 -18.08
CA GLY C 69 1.49 12.08 -18.07
C GLY C 69 0.81 12.51 -19.36
N ASP C 70 1.42 12.21 -20.51
CA ASP C 70 0.84 12.54 -21.80
C ASP C 70 -0.22 11.54 -22.24
N ASP C 71 -0.40 10.43 -21.52
CA ASP C 71 -1.37 9.43 -21.88
C ASP C 71 -2.71 9.63 -21.18
N VAL C 72 -2.82 10.66 -20.34
CA VAL C 72 -4.06 10.96 -19.63
C VAL C 72 -5.15 11.44 -20.60
N ARG C 73 -4.77 12.21 -21.63
CA ARG C 73 -5.74 12.73 -22.58
C ARG C 73 -6.37 11.66 -23.46
N GLN C 74 -5.80 10.46 -23.52
CA GLN C 74 -6.42 9.36 -24.21
C GLN C 74 -7.50 8.67 -23.38
N ILE C 75 -7.61 9.02 -22.10
CA ILE C 75 -8.70 8.53 -21.26
C ILE C 75 -9.86 9.52 -21.41
N ALA C 76 -10.63 9.33 -22.48
CA ALA C 76 -11.74 10.21 -22.83
C ALA C 76 -12.64 9.49 -23.83
N PRO C 77 -13.93 9.85 -23.89
CA PRO C 77 -14.79 9.26 -24.94
C PRO C 77 -14.41 9.72 -26.33
N GLY C 78 -14.12 8.78 -27.21
CA GLY C 78 -13.84 9.05 -28.61
C GLY C 78 -12.36 9.18 -28.94
N GLN C 79 -11.50 9.29 -27.95
CA GLN C 79 -10.08 9.46 -28.19
C GLN C 79 -9.45 8.15 -28.67
N THR C 80 -8.25 8.27 -29.24
CA THR C 80 -7.54 7.12 -29.80
C THR C 80 -6.05 7.26 -29.55
N GLY C 81 -5.36 6.13 -29.61
CA GLY C 81 -3.92 6.10 -29.39
C GLY C 81 -3.42 4.69 -29.26
N VAL C 82 -2.58 4.47 -28.24
CA VAL C 82 -2.21 3.13 -27.83
C VAL C 82 -2.77 2.77 -26.47
N ILE C 83 -3.30 3.74 -25.73
CA ILE C 83 -4.01 3.48 -24.49
C ILE C 83 -5.52 3.38 -24.70
N ALA C 84 -6.11 4.25 -25.50
CA ALA C 84 -7.53 4.19 -25.80
C ALA C 84 -7.91 3.04 -26.72
N ASP C 85 -7.02 2.64 -27.62
CA ASP C 85 -7.35 1.53 -28.51
C ASP C 85 -7.05 0.19 -27.86
N TYR C 86 -5.79 -0.06 -27.51
CA TYR C 86 -5.39 -1.41 -27.14
C TYR C 86 -5.54 -1.70 -25.66
N ASN C 87 -5.67 -0.68 -24.80
CA ASN C 87 -5.55 -0.87 -23.37
C ASN C 87 -6.84 -0.58 -22.61
N TYR C 88 -7.45 0.60 -22.81
CA TYR C 88 -8.60 1.00 -22.03
C TYR C 88 -9.46 1.97 -22.83
N LYS C 89 -10.62 1.50 -23.28
CA LYS C 89 -11.52 2.31 -24.10
C LYS C 89 -12.76 2.70 -23.30
N LEU C 90 -13.08 4.00 -23.31
CA LEU C 90 -14.29 4.59 -22.74
C LEU C 90 -15.38 4.64 -23.80
N PRO C 91 -16.64 4.41 -23.43
CA PRO C 91 -17.72 4.44 -24.43
C PRO C 91 -18.01 5.87 -24.87
N ASP C 92 -18.71 5.98 -26.00
CA ASP C 92 -19.14 7.28 -26.47
C ASP C 92 -20.28 7.87 -25.65
N ASP C 93 -21.02 7.03 -24.93
CA ASP C 93 -22.10 7.51 -24.06
C ASP C 93 -21.69 7.38 -22.60
N PHE C 94 -20.44 7.69 -22.31
CA PHE C 94 -19.89 7.54 -20.97
C PHE C 94 -20.44 8.63 -20.06
N MET C 95 -20.98 8.22 -18.91
CA MET C 95 -21.50 9.14 -17.90
C MET C 95 -20.73 8.90 -16.62
N GLY C 96 -19.75 9.74 -16.34
CA GLY C 96 -18.91 9.55 -15.18
C GLY C 96 -17.81 10.59 -15.14
N CYS C 97 -16.93 10.40 -14.16
CA CYS C 97 -15.85 11.35 -13.87
C CYS C 97 -14.50 10.66 -14.05
N VAL C 98 -13.59 11.33 -14.75
CA VAL C 98 -12.23 10.84 -14.91
C VAL C 98 -11.31 11.68 -14.04
N LEU C 99 -10.72 11.07 -13.02
CA LEU C 99 -9.85 11.75 -12.07
C LEU C 99 -8.43 11.25 -12.25
N ALA C 100 -7.48 12.18 -12.28
CA ALA C 100 -6.07 11.83 -12.46
C ALA C 100 -5.22 12.77 -11.63
N TRP C 101 -4.13 12.25 -11.08
CA TRP C 101 -3.25 13.09 -10.27
C TRP C 101 -1.82 12.58 -10.38
N ASN C 102 -0.88 13.50 -10.22
CA ASN C 102 0.53 13.25 -10.53
C ASN C 102 1.22 12.59 -9.34
N THR C 103 1.47 11.30 -9.45
CA THR C 103 2.15 10.55 -8.40
C THR C 103 3.63 10.34 -8.74
N ARG C 104 4.35 11.45 -8.88
CA ARG C 104 5.78 11.35 -9.13
C ARG C 104 6.52 10.90 -7.88
N ASN C 105 6.08 11.34 -6.71
CA ASN C 105 6.77 11.02 -5.47
C ASN C 105 6.54 9.60 -4.98
N ILE C 106 5.65 8.85 -5.60
CA ILE C 106 5.41 7.46 -5.24
C ILE C 106 5.96 6.52 -6.30
N ASP C 107 5.62 6.74 -7.57
CA ASP C 107 5.81 5.78 -8.63
C ASP C 107 6.99 6.08 -9.53
N ALA C 108 7.90 6.95 -9.12
CA ALA C 108 9.07 7.30 -9.94
C ALA C 108 10.32 7.17 -9.08
N THR C 109 10.87 5.95 -9.02
CA THR C 109 12.19 5.76 -8.46
C THR C 109 13.23 6.35 -9.40
N SER C 110 14.30 6.92 -8.84
CA SER C 110 15.35 7.53 -9.65
C SER C 110 16.11 6.51 -10.48
N THR C 111 16.12 5.24 -10.06
CA THR C 111 16.69 4.18 -10.89
C THR C 111 15.81 3.92 -12.11
N GLY C 112 14.49 3.92 -11.91
CA GLY C 112 13.56 3.62 -12.99
C GLY C 112 12.48 2.66 -12.55
N ASN C 113 11.21 3.03 -12.71
CA ASN C 113 10.10 2.23 -12.22
C ASN C 113 9.47 1.46 -13.39
N TYR C 114 10.07 0.31 -13.70
CA TYR C 114 9.61 -0.52 -14.81
C TYR C 114 8.62 -1.59 -14.33
N ASN C 115 7.57 -1.18 -13.63
CA ASN C 115 6.57 -2.11 -13.15
C ASN C 115 5.18 -1.88 -13.73
N TYR C 116 4.94 -0.77 -14.42
CA TYR C 116 3.65 -0.48 -15.03
C TYR C 116 3.75 -0.72 -16.53
N LYS C 117 2.88 -1.56 -17.05
CA LYS C 117 2.98 -2.07 -18.42
C LYS C 117 1.77 -1.64 -19.22
N TYR C 118 2.00 -1.31 -20.49
CA TYR C 118 0.93 -0.98 -21.42
C TYR C 118 1.09 -1.81 -22.68
N ARG C 119 -0.03 -2.06 -23.35
CA ARG C 119 -0.07 -2.88 -24.56
C ARG C 119 0.09 -1.98 -25.78
N TYR C 120 1.11 -2.25 -26.60
CA TYR C 120 1.37 -1.40 -27.75
C TYR C 120 1.15 -2.12 -29.08
N LEU C 121 0.85 -3.42 -29.04
CA LEU C 121 0.47 -4.17 -30.23
C LEU C 121 -0.75 -5.03 -29.92
N ARG C 122 -1.67 -5.09 -30.87
CA ARG C 122 -2.87 -5.90 -30.72
C ARG C 122 -3.41 -6.21 -32.11
N HIS C 123 -4.29 -7.20 -32.16
CA HIS C 123 -5.02 -7.55 -33.38
C HIS C 123 -6.43 -6.98 -33.24
N GLY C 124 -6.57 -5.69 -33.58
CA GLY C 124 -7.85 -5.05 -33.46
C GLY C 124 -7.96 -4.07 -32.30
N LYS C 125 -9.09 -3.38 -32.22
CA LYS C 125 -9.33 -2.36 -31.21
C LYS C 125 -10.25 -2.93 -30.14
N LEU C 126 -10.03 -2.52 -28.90
CA LEU C 126 -10.87 -2.99 -27.80
C LEU C 126 -12.27 -2.40 -27.90
N ARG C 127 -13.25 -3.20 -27.50
CA ARG C 127 -14.58 -2.71 -27.23
C ARG C 127 -14.56 -1.91 -25.92
N PRO C 128 -15.52 -0.98 -25.73
CA PRO C 128 -15.51 -0.16 -24.51
C PRO C 128 -15.64 -0.97 -23.23
N PHE C 129 -14.88 -0.54 -22.22
CA PHE C 129 -14.83 -1.13 -20.86
C PHE C 129 -14.43 -2.60 -20.89
N GLU C 130 -13.57 -2.98 -21.84
CA GLU C 130 -13.09 -4.36 -21.94
C GLU C 130 -11.65 -4.46 -21.48
N ARG C 131 -11.20 -5.69 -21.30
CA ARG C 131 -9.91 -5.97 -20.68
C ARG C 131 -9.21 -7.06 -21.49
N ASP C 132 -7.87 -6.98 -21.52
CA ASP C 132 -7.04 -7.98 -22.19
C ASP C 132 -5.81 -8.20 -21.31
N ILE C 133 -5.86 -9.21 -20.45
CA ILE C 133 -4.77 -9.49 -19.52
C ILE C 133 -3.89 -10.58 -20.10
N SER C 134 -4.12 -10.96 -21.35
CA SER C 134 -3.37 -12.02 -22.00
C SER C 134 -2.05 -11.46 -22.52
N ASN C 135 -0.97 -12.18 -22.24
CA ASN C 135 0.37 -11.82 -22.70
C ASN C 135 0.85 -13.00 -23.56
N VAL C 136 0.50 -12.95 -24.84
CA VAL C 136 0.87 -13.97 -25.81
C VAL C 136 1.82 -13.30 -26.80
N PRO C 137 2.82 -14.01 -27.34
CA PRO C 137 3.68 -13.40 -28.37
C PRO C 137 2.89 -12.98 -29.60
N PHE C 138 3.08 -11.72 -30.00
CA PHE C 138 2.31 -11.11 -31.06
C PHE C 138 3.08 -11.23 -32.36
N SER C 139 2.49 -11.92 -33.33
CA SER C 139 3.02 -11.95 -34.68
C SER C 139 2.07 -11.23 -35.61
N PRO C 140 2.56 -10.29 -36.43
CA PRO C 140 1.64 -9.48 -37.25
C PRO C 140 0.97 -10.23 -38.39
N ASP C 141 1.42 -11.45 -38.72
CA ASP C 141 0.79 -12.25 -39.75
C ASP C 141 -0.27 -13.21 -39.20
N GLY C 142 -0.50 -13.21 -37.89
CA GLY C 142 -1.58 -13.95 -37.28
C GLY C 142 -1.20 -15.34 -36.79
N LYS C 143 -0.09 -15.91 -37.26
CA LYS C 143 0.31 -17.24 -36.84
C LYS C 143 0.90 -17.20 -35.43
N PRO C 144 0.74 -18.28 -34.66
CA PRO C 144 1.40 -18.36 -33.35
C PRO C 144 2.92 -18.38 -33.49
N CYS C 145 3.59 -17.79 -32.52
CA CYS C 145 5.02 -17.54 -32.61
C CYS C 145 5.71 -17.83 -31.29
N THR C 146 7.04 -17.80 -31.32
CA THR C 146 7.89 -17.99 -30.15
C THR C 146 9.13 -17.11 -30.28
N PRO C 147 9.24 -16.04 -29.48
CA PRO C 147 10.42 -15.19 -29.56
C PRO C 147 11.63 -15.89 -28.95
N PRO C 148 12.86 -15.52 -29.38
CA PRO C 148 13.24 -14.53 -30.38
C PRO C 148 13.15 -15.03 -31.81
N ALA C 149 12.38 -14.33 -32.63
CA ALA C 149 12.24 -14.66 -34.04
C ALA C 149 11.91 -13.39 -34.81
N LEU C 150 12.11 -13.44 -36.12
CA LEU C 150 11.78 -12.31 -36.98
C LEU C 150 10.27 -12.15 -37.08
N ASN C 151 9.82 -10.89 -37.08
CA ASN C 151 8.40 -10.50 -37.08
C ASN C 151 7.64 -11.13 -35.92
N CYS C 152 8.16 -10.90 -34.71
CA CYS C 152 7.62 -11.54 -33.52
C CYS C 152 8.01 -10.69 -32.32
N TYR C 153 7.02 -10.09 -31.66
CA TYR C 153 7.27 -9.21 -30.53
C TYR C 153 6.32 -9.53 -29.39
N TRP C 154 6.76 -9.24 -28.18
CA TRP C 154 5.86 -9.25 -27.03
C TRP C 154 5.00 -7.99 -27.04
N PRO C 155 3.70 -8.10 -26.72
CA PRO C 155 2.80 -6.96 -26.93
C PRO C 155 2.82 -5.93 -25.82
N LEU C 156 3.53 -6.15 -24.72
CA LEU C 156 3.51 -5.27 -23.56
C LEU C 156 4.84 -4.56 -23.42
N ASN C 157 4.81 -3.24 -23.24
CA ASN C 157 6.00 -2.44 -23.08
C ASN C 157 5.92 -1.75 -21.73
N ASP C 158 7.09 -1.40 -21.19
CA ASP C 158 7.18 -0.80 -19.87
C ASP C 158 7.24 0.72 -19.99
N TYR C 159 6.49 1.41 -19.14
CA TYR C 159 6.57 2.86 -19.02
C TYR C 159 7.97 3.34 -18.66
N GLY C 160 8.55 2.78 -17.60
CA GLY C 160 9.87 3.20 -17.18
C GLY C 160 9.88 4.61 -16.61
N PHE C 161 9.28 4.76 -15.44
CA PHE C 161 9.12 6.07 -14.83
C PHE C 161 10.40 6.51 -14.13
N TYR C 162 10.81 7.75 -14.39
CA TYR C 162 11.99 8.33 -13.80
C TYR C 162 11.61 9.58 -13.03
N THR C 163 12.36 9.85 -11.95
CA THR C 163 12.11 11.03 -11.13
C THR C 163 12.49 12.31 -11.86
N THR C 164 13.60 12.30 -12.58
CA THR C 164 14.14 13.49 -13.24
C THR C 164 13.63 13.65 -14.67
N THR C 165 12.32 13.67 -14.85
CA THR C 165 11.70 13.86 -16.16
C THR C 165 10.64 14.94 -16.07
N GLY C 166 10.14 15.35 -17.23
CA GLY C 166 9.08 16.33 -17.29
C GLY C 166 7.73 15.75 -16.93
N ILE C 167 6.72 16.61 -16.91
CA ILE C 167 5.40 16.21 -16.41
C ILE C 167 4.58 15.54 -17.51
N GLY C 168 5.18 15.31 -18.66
CA GLY C 168 4.53 14.53 -19.70
C GLY C 168 4.93 13.08 -19.64
N TYR C 169 5.98 12.77 -18.88
CA TYR C 169 6.45 11.40 -18.70
C TYR C 169 6.32 10.93 -17.26
N GLN C 170 5.88 11.79 -16.34
CA GLN C 170 5.69 11.43 -14.95
C GLN C 170 4.48 10.52 -14.79
N PRO C 171 4.49 9.63 -13.80
CA PRO C 171 3.34 8.75 -13.59
C PRO C 171 2.13 9.50 -13.07
N TYR C 172 0.95 9.14 -13.59
CA TYR C 172 -0.30 9.78 -13.22
C TYR C 172 -1.30 8.67 -12.89
N ARG C 173 -1.68 8.57 -11.61
CA ARG C 173 -2.67 7.58 -11.22
C ARG C 173 -4.05 8.05 -11.64
N VAL C 174 -4.78 7.19 -12.34
CA VAL C 174 -6.07 7.53 -12.93
C VAL C 174 -7.15 6.67 -12.31
N VAL C 175 -8.20 7.31 -11.79
CA VAL C 175 -9.40 6.63 -11.33
C VAL C 175 -10.57 7.11 -12.16
N VAL C 176 -11.26 6.17 -12.80
CA VAL C 176 -12.38 6.47 -13.69
C VAL C 176 -13.65 5.99 -13.00
N LEU C 177 -14.43 6.93 -12.47
CA LEU C 177 -15.71 6.58 -11.87
C LEU C 177 -16.78 6.48 -12.93
N SER C 178 -17.52 5.37 -12.93
CA SER C 178 -18.62 5.15 -13.85
C SER C 178 -19.90 4.98 -13.06
N PHE C 179 -20.91 5.78 -13.40
CA PHE C 179 -22.20 5.75 -12.72
C PHE C 179 -23.24 5.07 -13.61
N GLU C 180 -24.24 4.47 -12.98
CA GLU C 180 -25.34 3.87 -13.72
C GLU C 180 -26.67 4.09 -13.01
C1 NAG D . -6.94 9.68 1.65
C2 NAG D . -8.26 10.36 2.01
C3 NAG D . -8.03 11.82 2.35
C4 NAG D . -6.97 11.96 3.45
C5 NAG D . -5.70 11.19 3.05
C6 NAG D . -4.66 11.16 4.15
C7 NAG D . -10.34 9.52 1.03
C8 NAG D . -11.21 9.49 -0.19
N2 NAG D . -9.21 10.24 0.92
O3 NAG D . -9.25 12.40 2.77
O4 NAG D . -6.64 13.33 3.66
O5 NAG D . -6.01 9.83 2.74
O6 NAG D . -4.57 9.89 4.76
O7 NAG D . -10.63 8.92 2.05
C1 NAG D . -7.19 13.76 4.92
C2 NAG D . -6.34 14.90 5.49
C3 NAG D . -6.96 15.45 6.77
C4 NAG D . -8.41 15.83 6.56
C5 NAG D . -9.18 14.65 5.96
C6 NAG D . -10.61 14.98 5.60
C7 NAG D . -3.98 14.64 4.86
C8 NAG D . -2.64 14.11 5.28
N2 NAG D . -4.97 14.45 5.73
O3 NAG D . -6.21 16.59 7.20
O4 NAG D . -9.00 16.19 7.80
O5 NAG D . -8.54 14.22 4.76
O6 NAG D . -10.71 16.26 5.00
O7 NAG D . -4.14 15.20 3.79
C1 BMA D . -9.37 17.59 7.85
C2 BMA D . -9.73 17.94 9.33
C3 BMA D . -9.98 19.45 9.47
C4 BMA D . -8.88 20.30 8.81
C5 BMA D . -8.69 19.86 7.35
C6 BMA D . -7.60 20.63 6.63
O2 BMA D . -8.65 17.62 10.18
O3 BMA D . -10.14 19.83 10.83
O4 BMA D . -9.21 21.67 8.85
O5 BMA D . -8.34 18.45 7.35
O6 BMA D . -6.39 20.50 7.37
C1 FUC D . -5.24 9.99 6.04
C2 FUC D . -6.10 8.72 6.27
C3 FUC D . -6.48 8.52 7.77
C4 FUC D . -6.28 9.77 8.67
C5 FUC D . -4.88 10.42 8.43
C6 FUC D . -4.91 11.93 8.58
O2 FUC D . -5.48 7.56 5.75
O3 FUC D . -7.86 8.17 7.85
O4 FUC D . -7.32 10.72 8.49
O5 FUC D . -4.31 10.13 7.12
C1 NAG E . -16.12 20.56 0.93
C2 NAG E . -16.57 19.98 2.28
C3 NAG E . -17.99 20.47 2.62
C4 NAG E . -18.06 22.00 2.55
C5 NAG E . -17.54 22.50 1.21
C6 NAG E . -17.47 24.01 1.13
C7 NAG E . -15.69 17.83 3.05
C8 NAG E . -15.77 16.34 2.92
N2 NAG E . -16.52 18.54 2.27
O3 NAG E . -18.33 20.02 3.92
O4 NAG E . -19.40 22.42 2.73
O5 NAG E . -16.22 22.01 0.97
O6 NAG E . -18.77 24.58 1.13
O7 NAG E . -14.92 18.37 3.84
#